data_5I14
#
_entry.id   5I14
#
_cell.length_a   60.088
_cell.length_b   61.206
_cell.length_c   69.806
_cell.angle_alpha   90.00
_cell.angle_beta   90.00
_cell.angle_gamma   90.00
#
_symmetry.space_group_name_H-M   'P 21 21 21'
#
loop_
_entity.id
_entity.type
_entity.pdbx_description
1 polymer 'mutated and truncated T4 lysozyme'
2 non-polymer 'NICKEL (II) ION'
3 water water
#
_entity_poly.entity_id   1
_entity_poly.type   'polypeptide(L)'
_entity_poly.pdbx_seq_one_letter_code
;MNIFEMLRIDEGGGSGGDEAEKLFNQDVDAAVRGILRNAKLKPVYDSLDAVRRAALINMVFQMGETGVAGFTHSLHALQH
KHWDHAAVHLAKSRWYNQTPNRAKRVITTFRTGTWDAYKNL
;
_entity_poly.pdbx_strand_id   A,B
#
# COMPACT_ATOMS: atom_id res chain seq x y z
N MET A 1 13.05 -0.55 -24.51
CA MET A 1 11.81 0.21 -24.38
C MET A 1 11.89 1.17 -23.20
N ASN A 2 11.34 2.37 -23.38
CA ASN A 2 11.24 3.36 -22.33
C ASN A 2 10.08 4.30 -22.63
N ILE A 3 9.88 5.32 -21.79
CA ILE A 3 8.73 6.20 -21.97
C ILE A 3 8.74 6.87 -23.34
N PHE A 4 9.92 7.21 -23.85
CA PHE A 4 10.01 7.87 -25.15
C PHE A 4 9.63 6.92 -26.29
N GLU A 5 10.14 5.70 -26.25
CA GLU A 5 9.82 4.70 -27.26
C GLU A 5 8.35 4.30 -27.16
N MET A 6 7.88 4.18 -25.92
CA MET A 6 6.49 3.85 -25.65
C MET A 6 5.53 4.88 -26.24
N LEU A 7 5.82 6.14 -25.99
CA LEU A 7 4.96 7.21 -26.47
C LEU A 7 5.03 7.36 -27.99
N ARG A 8 6.16 7.00 -28.59
CA ARG A 8 6.31 7.10 -30.04
C ARG A 8 5.39 6.09 -30.70
N ILE A 9 5.28 4.91 -30.08
CA ILE A 9 4.36 3.86 -30.54
C ILE A 9 2.90 4.28 -30.40
N ASP A 10 2.54 4.82 -29.23
CA ASP A 10 1.16 5.18 -28.97
C ASP A 10 0.76 6.43 -29.75
N GLU A 11 1.67 7.36 -29.89
CA GLU A 11 1.41 8.57 -30.64
C GLU A 11 1.86 8.27 -32.04
N GLY A 12 1.94 9.25 -32.92
CA GLY A 12 2.36 8.94 -34.27
C GLY A 12 3.77 8.44 -34.47
N GLY A 13 4.74 9.12 -33.89
CA GLY A 13 6.10 9.03 -34.38
C GLY A 13 6.23 9.88 -35.65
N GLY A 14 7.27 9.65 -36.42
CA GLY A 14 7.41 10.11 -37.80
C GLY A 14 7.69 11.55 -38.17
N SER A 15 6.81 12.44 -37.78
CA SER A 15 6.70 13.71 -38.44
C SER A 15 7.50 14.85 -37.85
N GLY A 16 8.39 15.40 -38.66
CA GLY A 16 9.17 16.58 -38.35
C GLY A 16 10.66 16.67 -37.99
N GLY A 17 11.37 15.56 -37.85
CA GLY A 17 12.82 15.62 -37.66
C GLY A 17 13.27 16.01 -36.27
N ASP A 18 14.51 16.45 -36.10
CA ASP A 18 15.02 16.84 -34.77
C ASP A 18 14.31 18.01 -34.11
N GLU A 19 13.72 18.90 -34.90
CA GLU A 19 12.98 20.00 -34.30
C GLU A 19 11.64 19.53 -33.74
N ALA A 20 11.05 18.55 -34.41
CA ALA A 20 9.79 17.96 -33.96
C ALA A 20 10.04 17.14 -32.71
N GLU A 21 11.24 16.60 -32.57
CA GLU A 21 11.53 15.74 -31.45
C GLU A 21 11.81 16.57 -30.21
N LYS A 22 12.20 17.83 -30.43
CA LYS A 22 12.32 18.77 -29.32
C LYS A 22 10.96 19.04 -28.69
N LEU A 23 9.94 19.23 -29.52
CA LEU A 23 8.59 19.46 -29.02
C LEU A 23 8.07 18.21 -28.29
N PHE A 24 8.35 17.05 -28.86
CA PHE A 24 7.98 15.78 -28.26
C PHE A 24 8.63 15.62 -26.88
N ASN A 25 9.95 15.83 -26.81
CA ASN A 25 10.65 15.72 -25.54
C ASN A 25 10.13 16.72 -24.52
N GLN A 26 9.83 17.93 -24.99
CA GLN A 26 9.30 18.96 -24.11
C GLN A 26 7.95 18.55 -23.54
N ASP A 27 7.14 17.89 -24.37
CA ASP A 27 5.83 17.42 -23.91
C ASP A 27 6.00 16.29 -22.87
N VAL A 28 7.00 15.45 -23.06
CA VAL A 28 7.28 14.40 -22.08
C VAL A 28 7.70 15.05 -20.77
N ASP A 29 8.60 16.04 -20.85
CA ASP A 29 9.04 16.78 -19.67
C ASP A 29 7.88 17.45 -18.95
N ALA A 30 6.95 18.04 -19.73
CA ALA A 30 5.80 18.71 -19.16
C ALA A 30 4.89 17.74 -18.42
N ALA A 31 4.76 16.53 -18.96
CA ALA A 31 3.96 15.49 -18.34
C ALA A 31 4.53 15.11 -16.98
N VAL A 32 5.84 14.93 -16.92
CA VAL A 32 6.53 14.59 -15.69
C VAL A 32 6.39 15.72 -14.67
N ARG A 33 6.55 16.96 -15.14
CA ARG A 33 6.44 18.11 -14.27
C ARG A 33 5.01 18.24 -13.73
N GLY A 34 4.04 17.96 -14.59
CA GLY A 34 2.64 17.96 -14.18
C GLY A 34 2.38 16.98 -13.07
N ILE A 35 2.97 15.78 -13.20
CA ILE A 35 2.86 14.76 -12.18
C ILE A 35 3.48 15.21 -10.85
N LEU A 36 4.71 15.68 -10.92
CA LEU A 36 5.47 15.98 -9.71
C LEU A 36 4.96 17.20 -8.95
N ARG A 37 4.14 18.03 -9.58
CA ARG A 37 3.62 19.21 -8.90
C ARG A 37 2.18 19.01 -8.46
N ASN A 38 1.61 17.87 -8.82
CA ASN A 38 0.24 17.57 -8.45
C ASN A 38 0.18 16.69 -7.20
N ALA A 39 -0.60 17.13 -6.22
CA ALA A 39 -0.63 16.48 -4.91
C ALA A 39 -1.24 15.08 -4.95
N LYS A 40 -2.08 14.81 -5.96
CA LYS A 40 -2.68 13.49 -6.09
C LYS A 40 -1.81 12.53 -6.91
N LEU A 41 -1.07 13.07 -7.88
CA LEU A 41 -0.30 12.24 -8.80
C LEU A 41 1.10 11.91 -8.26
N LYS A 42 1.74 12.87 -7.61
CA LYS A 42 3.12 12.68 -7.17
C LYS A 42 3.30 11.50 -6.20
N PRO A 43 2.44 11.37 -5.16
CA PRO A 43 2.67 10.22 -4.27
C PRO A 43 2.47 8.88 -4.96
N VAL A 44 1.61 8.83 -5.97
CA VAL A 44 1.43 7.61 -6.74
C VAL A 44 2.69 7.34 -7.56
N TYR A 45 3.11 8.34 -8.31
CA TYR A 45 4.32 8.27 -9.12
C TYR A 45 5.54 7.81 -8.30
N ASP A 46 5.73 8.42 -7.14
CA ASP A 46 6.86 8.08 -6.28
C ASP A 46 6.85 6.63 -5.83
N SER A 47 5.65 6.06 -5.69
CA SER A 47 5.52 4.69 -5.21
C SER A 47 5.73 3.67 -6.34
N LEU A 48 5.66 4.13 -7.58
CA LEU A 48 5.72 3.22 -8.73
C LEU A 48 7.13 2.85 -9.17
N ASP A 49 7.25 1.65 -9.73
CA ASP A 49 8.47 1.18 -10.39
C ASP A 49 8.66 1.89 -11.72
N ALA A 50 9.83 1.72 -12.32
CA ALA A 50 10.21 2.43 -13.54
C ALA A 50 9.27 2.17 -14.71
N VAL A 51 8.81 0.93 -14.85
CA VAL A 51 7.93 0.58 -15.96
C VAL A 51 6.54 1.21 -15.77
N ARG A 52 6.00 1.10 -14.56
CA ARG A 52 4.68 1.67 -14.29
C ARG A 52 4.72 3.19 -14.21
N ARG A 53 5.86 3.76 -13.84
CA ARG A 53 6.03 5.20 -13.93
C ARG A 53 5.81 5.68 -15.36
N ALA A 54 6.34 4.93 -16.32
CA ALA A 54 6.17 5.28 -17.73
C ALA A 54 4.70 5.23 -18.13
N ALA A 55 3.98 4.22 -17.64
CA ALA A 55 2.57 4.11 -17.93
C ALA A 55 1.81 5.33 -17.43
N LEU A 56 2.17 5.84 -16.25
CA LEU A 56 1.48 7.01 -15.71
C LEU A 56 1.83 8.28 -16.50
N ILE A 57 3.10 8.41 -16.86
CA ILE A 57 3.52 9.54 -17.69
C ILE A 57 2.77 9.52 -19.02
N ASN A 58 2.61 8.33 -19.58
CA ASN A 58 1.87 8.12 -20.83
C ASN A 58 0.46 8.70 -20.75
N MET A 59 -0.27 8.34 -19.69
CA MET A 59 -1.61 8.87 -19.47
C MET A 59 -1.63 10.39 -19.36
N VAL A 60 -0.69 10.96 -18.63
CA VAL A 60 -0.64 12.41 -18.45
C VAL A 60 -0.24 13.10 -19.75
N PHE A 61 0.64 12.48 -20.51
CA PHE A 61 1.02 12.99 -21.83
C PHE A 61 -0.24 13.09 -22.71
N GLN A 62 -1.10 12.08 -22.64
CA GLN A 62 -2.28 12.02 -23.49
C GLN A 62 -3.41 12.92 -23.01
N MET A 63 -3.69 12.88 -21.70
CA MET A 63 -4.90 13.52 -21.18
C MET A 63 -4.66 14.79 -20.36
N GLY A 64 -3.41 15.02 -19.98
CA GLY A 64 -3.07 16.17 -19.14
C GLY A 64 -3.15 15.82 -17.67
N GLU A 65 -2.48 16.62 -16.84
CA GLU A 65 -2.38 16.31 -15.42
C GLU A 65 -3.75 16.38 -14.73
N THR A 66 -4.58 17.34 -15.10
CA THR A 66 -5.88 17.47 -14.45
C THR A 66 -6.77 16.29 -14.81
N GLY A 67 -6.70 15.86 -16.07
CA GLY A 67 -7.48 14.72 -16.52
C GLY A 67 -7.15 13.46 -15.74
N VAL A 68 -5.86 13.15 -15.64
CA VAL A 68 -5.43 11.92 -14.98
C VAL A 68 -5.71 11.97 -13.48
N ALA A 69 -5.54 13.15 -12.89
CA ALA A 69 -5.78 13.34 -11.46
C ALA A 69 -7.25 13.10 -11.10
N GLY A 70 -8.11 13.08 -12.10
CA GLY A 70 -9.52 12.83 -11.88
C GLY A 70 -9.85 11.37 -11.60
N PHE A 71 -8.91 10.47 -11.88
CA PHE A 71 -9.08 9.04 -11.63
C PHE A 71 -8.77 8.70 -10.18
N THR A 72 -9.46 9.34 -9.25
CA THR A 72 -9.10 9.28 -7.82
C THR A 72 -9.05 7.85 -7.29
N HIS A 73 -10.07 7.06 -7.61
CA HIS A 73 -10.19 5.69 -7.11
C HIS A 73 -9.11 4.78 -7.69
N SER A 74 -8.88 4.88 -9.00
CA SER A 74 -7.87 4.07 -9.66
C SER A 74 -6.47 4.42 -9.17
N LEU A 75 -6.22 5.71 -9.00
CA LEU A 75 -4.91 6.18 -8.49
C LEU A 75 -4.63 5.60 -7.11
N HIS A 76 -5.67 5.52 -6.29
CA HIS A 76 -5.52 4.94 -4.95
C HIS A 76 -5.12 3.47 -5.04
N ALA A 77 -5.75 2.74 -5.96
CA ALA A 77 -5.42 1.34 -6.18
C ALA A 77 -3.97 1.19 -6.63
N LEU A 78 -3.55 2.08 -7.53
CA LEU A 78 -2.18 2.04 -8.05
C LEU A 78 -1.17 2.28 -6.92
N GLN A 79 -1.52 3.18 -6.01
CA GLN A 79 -0.62 3.55 -4.93
C GLN A 79 -0.39 2.37 -3.99
N HIS A 80 -1.39 1.50 -3.84
CA HIS A 80 -1.23 0.35 -2.97
C HIS A 80 -0.99 -0.93 -3.78
N LYS A 81 -0.54 -0.74 -5.01
CA LYS A 81 -0.13 -1.85 -5.88
C LYS A 81 -1.24 -2.87 -6.14
N HIS A 82 -2.49 -2.41 -6.10
CA HIS A 82 -3.60 -3.26 -6.46
C HIS A 82 -3.90 -3.04 -7.93
N TRP A 83 -3.07 -3.67 -8.76
CA TRP A 83 -3.03 -3.42 -10.19
C TRP A 83 -4.32 -3.83 -10.89
N ASP A 84 -4.84 -4.99 -10.51
CA ASP A 84 -6.05 -5.53 -11.14
C ASP A 84 -7.27 -4.66 -10.82
N HIS A 85 -7.34 -4.16 -9.59
CA HIS A 85 -8.42 -3.27 -9.18
C HIS A 85 -8.38 -2.00 -10.01
N ALA A 86 -7.18 -1.43 -10.17
CA ALA A 86 -7.01 -0.26 -11.01
C ALA A 86 -7.43 -0.55 -12.44
N ALA A 87 -7.04 -1.71 -12.96
CA ALA A 87 -7.31 -2.09 -14.35
C ALA A 87 -8.80 -2.16 -14.64
N VAL A 88 -9.57 -2.72 -13.72
CA VAL A 88 -11.02 -2.83 -13.88
C VAL A 88 -11.66 -1.46 -14.10
N HIS A 89 -11.27 -0.49 -13.28
CA HIS A 89 -11.85 0.85 -13.37
C HIS A 89 -11.35 1.66 -14.57
N LEU A 90 -10.05 1.57 -14.86
CA LEU A 90 -9.47 2.30 -15.98
C LEU A 90 -10.04 1.83 -17.32
N ALA A 91 -10.39 0.56 -17.40
CA ALA A 91 -10.94 -0.01 -18.62
C ALA A 91 -12.38 0.47 -18.86
N LYS A 92 -13.00 0.96 -17.79
CA LYS A 92 -14.33 1.56 -17.87
C LYS A 92 -14.23 3.09 -17.82
N SER A 93 -13.75 3.69 -18.90
CA SER A 93 -13.53 5.14 -18.94
C SER A 93 -13.69 5.72 -20.34
N ARG A 94 -13.90 7.04 -20.41
CA ARG A 94 -13.93 7.75 -21.69
C ARG A 94 -12.64 7.51 -22.43
N TRP A 95 -11.54 7.55 -21.68
CA TRP A 95 -10.20 7.29 -22.19
C TRP A 95 -10.14 5.96 -22.94
N TYR A 96 -10.60 4.90 -22.29
CA TYR A 96 -10.54 3.58 -22.91
C TYR A 96 -11.45 3.50 -24.13
N ASN A 97 -12.65 4.06 -24.05
CA ASN A 97 -13.60 3.89 -25.14
C ASN A 97 -13.28 4.75 -26.36
N GLN A 98 -12.42 5.75 -26.18
CA GLN A 98 -12.00 6.61 -27.29
C GLN A 98 -10.71 6.13 -27.95
N THR A 99 -9.78 5.61 -27.16
CA THR A 99 -8.56 5.01 -27.69
C THR A 99 -8.28 3.67 -27.02
N PRO A 100 -9.05 2.63 -27.40
CA PRO A 100 -9.03 1.32 -26.74
C PRO A 100 -7.73 0.54 -26.89
N ASN A 101 -7.08 0.63 -28.04
CA ASN A 101 -5.86 -0.14 -28.27
C ASN A 101 -4.73 0.40 -27.40
N ARG A 102 -4.61 1.73 -27.37
CA ARG A 102 -3.60 2.38 -26.55
C ARG A 102 -3.86 2.18 -25.07
N ALA A 103 -5.09 2.42 -24.64
CA ALA A 103 -5.46 2.29 -23.24
C ALA A 103 -5.23 0.87 -22.73
N LYS A 104 -5.51 -0.12 -23.56
CA LYS A 104 -5.32 -1.51 -23.16
C LYS A 104 -3.84 -1.80 -22.95
N ARG A 105 -2.98 -1.27 -23.81
CA ARG A 105 -1.55 -1.44 -23.64
C ARG A 105 -1.08 -0.82 -22.34
N VAL A 106 -1.56 0.39 -22.06
CA VAL A 106 -1.17 1.12 -20.87
C VAL A 106 -1.65 0.40 -19.62
N ILE A 107 -2.91 -0.04 -19.63
CA ILE A 107 -3.46 -0.77 -18.50
C ILE A 107 -2.73 -2.10 -18.26
N THR A 108 -2.42 -2.82 -19.34
CA THR A 108 -1.71 -4.08 -19.20
C THR A 108 -0.34 -3.83 -18.58
N THR A 109 0.27 -2.70 -18.92
CA THR A 109 1.56 -2.32 -18.35
C THR A 109 1.44 -2.12 -16.85
N PHE A 110 0.34 -1.50 -16.42
CA PHE A 110 0.07 -1.34 -14.98
C PHE A 110 -0.10 -2.71 -14.32
N ARG A 111 -0.77 -3.62 -15.02
CA ARG A 111 -1.05 -4.96 -14.46
C ARG A 111 0.20 -5.81 -14.31
N THR A 112 1.08 -5.78 -15.32
CA THR A 112 2.21 -6.70 -15.36
C THR A 112 3.51 -6.08 -14.87
N GLY A 113 3.66 -4.78 -15.05
CA GLY A 113 4.90 -4.10 -14.73
C GLY A 113 5.98 -4.47 -15.72
N THR A 114 5.58 -4.97 -16.88
CA THR A 114 6.51 -5.30 -17.95
C THR A 114 6.16 -4.53 -19.21
N TRP A 115 7.04 -4.62 -20.21
CA TRP A 115 6.82 -3.98 -21.50
C TRP A 115 6.18 -4.91 -22.54
N ASP A 116 5.60 -6.01 -22.08
CA ASP A 116 5.09 -7.04 -22.98
C ASP A 116 4.07 -6.51 -23.98
N ALA A 117 3.26 -5.55 -23.56
CA ALA A 117 2.22 -4.99 -24.42
C ALA A 117 2.79 -4.11 -25.54
N TYR A 118 4.10 -3.88 -25.50
CA TYR A 118 4.76 -3.06 -26.53
C TYR A 118 5.82 -3.88 -27.28
N LYS A 119 5.71 -5.20 -27.20
CA LYS A 119 6.64 -6.10 -27.88
C LYS A 119 6.15 -6.45 -29.28
N ASN A 120 4.90 -6.11 -29.57
CA ASN A 120 4.28 -6.42 -30.86
C ASN A 120 5.00 -5.74 -32.01
N MET B 1 6.48 4.31 27.51
CA MET B 1 5.75 3.12 27.13
C MET B 1 6.50 2.31 26.07
N ASN B 2 6.42 0.99 26.17
CA ASN B 2 7.00 0.09 25.18
C ASN B 2 6.22 -1.22 25.17
N ILE B 3 6.63 -2.16 24.33
CA ILE B 3 5.88 -3.41 24.17
C ILE B 3 5.80 -4.19 25.50
N PHE B 4 6.86 -4.15 26.29
CA PHE B 4 6.88 -4.91 27.54
C PHE B 4 5.89 -4.33 28.56
N GLU B 5 5.88 -3.01 28.71
CA GLU B 5 4.95 -2.35 29.61
C GLU B 5 3.52 -2.49 29.10
N MET B 6 3.38 -2.41 27.77
CA MET B 6 2.07 -2.56 27.12
C MET B 6 1.45 -3.91 27.42
N LEU B 7 2.24 -4.97 27.23
CA LEU B 7 1.75 -6.33 27.44
C LEU B 7 1.49 -6.60 28.91
N ARG B 8 2.24 -5.91 29.76
CA ARG B 8 2.04 -6.07 31.21
C ARG B 8 0.71 -5.52 31.69
N ILE B 9 0.31 -4.41 31.09
CA ILE B 9 -0.98 -3.83 31.37
C ILE B 9 -2.09 -4.77 30.88
N ASP B 10 -1.90 -5.30 29.67
CA ASP B 10 -2.93 -6.14 29.04
C ASP B 10 -3.02 -7.56 29.61
N GLU B 11 -1.96 -8.06 30.18
CA GLU B 11 -1.89 -9.43 30.61
C GLU B 11 -2.21 -9.55 32.09
N GLY B 12 -2.95 -8.59 32.60
CA GLY B 12 -3.37 -8.59 33.98
C GLY B 12 -2.45 -7.85 34.89
N GLY B 13 -1.50 -7.14 34.29
CA GLY B 13 -0.49 -6.45 35.05
C GLY B 13 0.35 -7.39 35.85
N GLY B 14 0.61 -8.56 35.29
CA GLY B 14 1.28 -9.58 36.05
C GLY B 14 2.63 -9.17 36.58
N SER B 15 2.88 -9.51 37.82
CA SER B 15 4.23 -9.63 38.25
C SER B 15 4.27 -10.90 38.99
N GLY B 16 5.02 -11.87 38.52
CA GLY B 16 5.20 -13.08 39.28
C GLY B 16 6.62 -13.53 39.09
N GLY B 17 7.22 -14.16 40.07
CA GLY B 17 8.49 -14.80 39.85
C GLY B 17 9.61 -13.81 39.69
N ASP B 18 10.77 -14.31 39.31
CA ASP B 18 11.83 -13.57 38.64
C ASP B 18 12.26 -14.40 37.44
N GLU B 19 12.06 -15.70 37.50
CA GLU B 19 12.34 -16.54 36.35
C GLU B 19 11.14 -16.55 35.42
N ALA B 20 10.04 -16.09 35.93
CA ALA B 20 8.81 -15.86 35.22
C ALA B 20 8.95 -14.77 34.21
N GLU B 21 9.75 -13.80 34.57
CA GLU B 21 9.89 -12.65 33.67
C GLU B 21 10.87 -12.98 32.56
N LYS B 22 11.72 -13.97 32.81
CA LYS B 22 12.54 -14.53 31.75
C LYS B 22 11.61 -15.22 30.75
N LEU B 23 10.62 -15.94 31.25
CA LEU B 23 9.65 -16.60 30.39
C LEU B 23 8.81 -15.58 29.62
N PHE B 24 8.41 -14.51 30.31
CA PHE B 24 7.67 -13.42 29.69
C PHE B 24 8.45 -12.82 28.53
N ASN B 25 9.71 -12.49 28.79
CA ASN B 25 10.56 -11.90 27.77
C ASN B 25 10.80 -12.87 26.61
N GLN B 26 10.91 -14.16 26.93
CA GLN B 26 11.11 -15.18 25.91
C GLN B 26 9.89 -15.27 25.01
N ASP B 27 8.71 -15.16 25.61
CA ASP B 27 7.47 -15.23 24.86
C ASP B 27 7.27 -14.01 23.95
N VAL B 28 7.68 -12.82 24.44
CA VAL B 28 7.64 -11.61 23.62
C VAL B 28 8.57 -11.78 22.43
N ASP B 29 9.77 -12.27 22.71
CA ASP B 29 10.75 -12.55 21.67
C ASP B 29 10.20 -13.58 20.69
N ALA B 30 9.50 -14.59 21.20
CA ALA B 30 8.91 -15.63 20.36
C ALA B 30 7.82 -15.06 19.46
N ALA B 31 7.07 -14.09 19.99
CA ALA B 31 6.01 -13.43 19.23
C ALA B 31 6.62 -12.67 18.05
N VAL B 32 7.72 -11.95 18.31
CA VAL B 32 8.39 -11.21 17.25
C VAL B 32 8.96 -12.17 16.19
N ARG B 33 9.59 -13.26 16.62
CA ARG B 33 10.14 -14.23 15.69
C ARG B 33 9.03 -14.88 14.86
N GLY B 34 7.88 -15.13 15.51
CA GLY B 34 6.73 -15.68 14.82
C GLY B 34 6.23 -14.76 13.71
N ILE B 35 6.20 -13.47 14.00
CA ILE B 35 5.83 -12.47 13.02
C ILE B 35 6.79 -12.44 11.83
N LEU B 36 8.07 -12.34 12.15
CA LEU B 36 9.10 -12.13 11.13
C LEU B 36 9.29 -13.35 10.23
N ARG B 37 8.76 -14.49 10.65
CA ARG B 37 8.87 -15.73 9.87
C ARG B 37 7.56 -16.09 9.16
N ASN B 38 6.52 -15.31 9.40
CA ASN B 38 5.21 -15.54 8.79
C ASN B 38 5.00 -14.65 7.56
N ALA B 39 4.62 -15.26 6.45
CA ALA B 39 4.51 -14.56 5.16
C ALA B 39 3.41 -13.51 5.10
N LYS B 40 2.39 -13.66 5.93
CA LYS B 40 1.30 -12.68 5.97
C LYS B 40 1.59 -11.57 6.98
N LEU B 41 2.29 -11.92 8.06
CA LEU B 41 2.53 -10.99 9.16
C LEU B 41 3.75 -10.09 8.93
N LYS B 42 4.81 -10.65 8.36
CA LYS B 42 6.05 -9.90 8.20
C LYS B 42 5.89 -8.63 7.33
N PRO B 43 5.26 -8.75 6.14
CA PRO B 43 5.16 -7.51 5.36
C PRO B 43 4.30 -6.45 6.04
N VAL B 44 3.32 -6.87 6.83
CA VAL B 44 2.51 -5.94 7.59
C VAL B 44 3.38 -5.29 8.64
N TYR B 45 4.07 -6.13 9.42
CA TYR B 45 5.01 -5.68 10.43
C TYR B 45 6.04 -4.70 9.87
N ASP B 46 6.66 -5.07 8.75
CA ASP B 46 7.68 -4.25 8.13
C ASP B 46 7.14 -2.87 7.73
N SER B 47 5.87 -2.83 7.37
CA SER B 47 5.25 -1.60 6.89
C SER B 47 4.82 -0.67 8.01
N LEU B 48 4.70 -1.22 9.22
CA LEU B 48 4.17 -0.48 10.36
C LEU B 48 5.21 0.37 11.07
N ASP B 49 4.75 1.47 11.66
CA ASP B 49 5.57 2.29 12.53
C ASP B 49 5.79 1.56 13.85
N ALA B 50 6.71 2.09 14.67
CA ALA B 50 7.12 1.41 15.90
C ALA B 50 5.98 1.16 16.89
N VAL B 51 5.09 2.14 17.04
CA VAL B 51 4.00 1.99 17.99
C VAL B 51 3.02 0.92 17.50
N ARG B 52 2.69 0.96 16.21
CA ARG B 52 1.75 -0.01 15.68
C ARG B 52 2.36 -1.40 15.60
N ARG B 53 3.69 -1.48 15.45
CA ARG B 53 4.38 -2.77 15.52
C ARG B 53 4.11 -3.42 16.87
N ALA B 54 4.13 -2.62 17.93
CA ALA B 54 3.88 -3.15 19.27
C ALA B 54 2.47 -3.73 19.39
N ALA B 55 1.49 -3.06 18.80
CA ALA B 55 0.12 -3.53 18.79
C ALA B 55 0.03 -4.90 18.11
N LEU B 56 0.77 -5.08 17.02
CA LEU B 56 0.76 -6.36 16.32
C LEU B 56 1.46 -7.44 17.15
N ILE B 57 2.57 -7.10 17.78
CA ILE B 57 3.26 -8.03 18.68
C ILE B 57 2.33 -8.47 19.81
N ASN B 58 1.59 -7.50 20.34
CA ASN B 58 0.61 -7.75 21.38
C ASN B 58 -0.38 -8.84 20.97
N MET B 59 -0.99 -8.67 19.79
CA MET B 59 -1.95 -9.65 19.28
C MET B 59 -1.33 -11.04 19.13
N VAL B 60 -0.11 -11.11 18.60
CA VAL B 60 0.55 -12.38 18.38
C VAL B 60 0.95 -13.03 19.70
N PHE B 61 1.34 -12.22 20.67
CA PHE B 61 1.63 -12.71 22.02
C PHE B 61 0.38 -13.37 22.61
N GLN B 62 -0.77 -12.76 22.39
CA GLN B 62 -2.00 -13.24 22.98
C GLN B 62 -2.56 -14.48 22.26
N MET B 63 -2.58 -14.43 20.94
CA MET B 63 -3.29 -15.43 20.13
C MET B 63 -2.40 -16.39 19.36
N GLY B 64 -1.11 -16.09 19.25
CA GLY B 64 -0.22 -16.92 18.48
C GLY B 64 -0.16 -16.46 17.03
N GLU B 65 0.88 -16.86 16.32
CA GLU B 65 1.10 -16.38 14.96
C GLU B 65 0.01 -16.89 14.00
N THR B 66 -0.44 -18.12 14.19
CA THR B 66 -1.44 -18.70 13.31
C THR B 66 -2.77 -17.98 13.48
N GLY B 67 -3.11 -17.69 14.74
CA GLY B 67 -4.33 -16.98 15.05
C GLY B 67 -4.38 -15.60 14.41
N VAL B 68 -3.34 -14.80 14.61
CA VAL B 68 -3.34 -13.44 14.09
C VAL B 68 -3.26 -13.44 12.57
N ALA B 69 -2.53 -14.38 12.00
CA ALA B 69 -2.40 -14.45 10.54
C ALA B 69 -3.75 -14.74 9.88
N GLY B 70 -4.71 -15.21 10.67
CA GLY B 70 -6.05 -15.49 10.20
C GLY B 70 -6.89 -14.24 9.94
N PHE B 71 -6.43 -13.11 10.46
CA PHE B 71 -7.12 -11.82 10.23
C PHE B 71 -6.73 -11.22 8.88
N THR B 72 -6.96 -11.97 7.80
CA THR B 72 -6.41 -11.62 6.49
C THR B 72 -6.83 -10.23 6.00
N HIS B 73 -8.12 -9.95 6.09
CA HIS B 73 -8.66 -8.69 5.59
C HIS B 73 -8.18 -7.51 6.42
N SER B 74 -8.20 -7.68 7.74
CA SER B 74 -7.74 -6.64 8.65
C SER B 74 -6.25 -6.37 8.48
N LEU B 75 -5.47 -7.44 8.37
CA LEU B 75 -4.03 -7.29 8.18
C LEU B 75 -3.71 -6.54 6.89
N HIS B 76 -4.49 -6.80 5.84
CA HIS B 76 -4.30 -6.12 4.56
C HIS B 76 -4.55 -4.62 4.70
N ALA B 77 -5.62 -4.26 5.43
CA ALA B 77 -5.93 -2.86 5.68
C ALA B 77 -4.80 -2.18 6.44
N LEU B 78 -4.25 -2.89 7.44
CA LEU B 78 -3.15 -2.36 8.23
C LEU B 78 -1.93 -2.11 7.35
N GLN B 79 -1.69 -3.04 6.43
CA GLN B 79 -0.52 -2.95 5.56
C GLN B 79 -0.58 -1.72 4.67
N HIS B 80 -1.79 -1.31 4.28
CA HIS B 80 -1.92 -0.14 3.42
C HIS B 80 -2.40 1.10 4.20
N LYS B 81 -2.21 1.08 5.51
CA LYS B 81 -2.48 2.21 6.40
C LYS B 81 -3.93 2.68 6.35
N HIS B 82 -4.83 1.76 6.10
CA HIS B 82 -6.26 2.06 6.20
C HIS B 82 -6.74 1.66 7.58
N TRP B 83 -6.40 2.49 8.56
CA TRP B 83 -6.58 2.18 9.98
C TRP B 83 -8.03 2.01 10.41
N ASP B 84 -8.93 2.89 9.96
CA ASP B 84 -10.33 2.76 10.35
C ASP B 84 -10.95 1.51 9.75
N HIS B 85 -10.56 1.19 8.52
CA HIS B 85 -11.06 -0.01 7.86
C HIS B 85 -10.65 -1.24 8.67
N ALA B 86 -9.38 -1.28 9.04
CA ALA B 86 -8.86 -2.36 9.87
C ALA B 86 -9.60 -2.42 11.21
N ALA B 87 -9.82 -1.25 11.80
CA ALA B 87 -10.48 -1.17 13.10
C ALA B 87 -11.90 -1.74 13.08
N VAL B 88 -12.65 -1.44 12.03
CA VAL B 88 -14.01 -1.96 11.89
C VAL B 88 -14.06 -3.47 11.93
N HIS B 89 -13.19 -4.10 11.15
CA HIS B 89 -13.17 -5.56 11.05
C HIS B 89 -12.61 -6.20 12.31
N LEU B 90 -11.54 -5.62 12.88
CA LEU B 90 -10.96 -6.18 14.11
C LEU B 90 -11.93 -6.11 15.29
N ALA B 91 -12.78 -5.11 15.31
CA ALA B 91 -13.79 -4.96 16.34
C ALA B 91 -14.90 -6.00 16.28
N LYS B 92 -15.17 -6.50 15.09
CA LYS B 92 -16.05 -7.61 14.87
C LYS B 92 -15.35 -8.96 14.86
N SER B 93 -14.79 -9.37 15.98
CA SER B 93 -14.04 -10.61 16.01
C SER B 93 -14.28 -11.36 17.27
N ARG B 94 -14.11 -12.66 17.21
CA ARG B 94 -14.13 -13.46 18.43
C ARG B 94 -13.12 -12.91 19.42
N TRP B 95 -11.96 -12.50 18.90
CA TRP B 95 -10.94 -11.88 19.72
C TRP B 95 -11.50 -10.72 20.52
N TYR B 96 -12.14 -9.77 19.83
CA TYR B 96 -12.66 -8.57 20.48
C TYR B 96 -13.72 -8.94 21.51
N ASN B 97 -14.62 -9.84 21.13
CA ASN B 97 -15.76 -10.16 21.98
C ASN B 97 -15.34 -11.01 23.17
N GLN B 98 -14.13 -11.58 23.11
CA GLN B 98 -13.62 -12.37 24.24
C GLN B 98 -12.84 -11.53 25.25
N THR B 99 -12.06 -10.57 24.75
CA THR B 99 -11.39 -9.63 25.64
C THR B 99 -11.54 -8.21 25.11
N PRO B 100 -12.74 -7.63 25.29
CA PRO B 100 -13.10 -6.35 24.66
C PRO B 100 -12.28 -5.15 25.13
N ASN B 101 -11.94 -5.12 26.41
CA ASN B 101 -11.22 -3.98 26.96
C ASN B 101 -9.81 -3.95 26.39
N ARG B 102 -9.17 -5.11 26.37
CA ARG B 102 -7.84 -5.23 25.81
C ARG B 102 -7.84 -5.01 24.30
N ALA B 103 -8.76 -5.67 23.61
CA ALA B 103 -8.84 -5.55 22.16
C ALA B 103 -9.08 -4.12 21.70
N LYS B 104 -9.86 -3.36 22.48
CA LYS B 104 -10.14 -1.98 22.14
C LYS B 104 -8.88 -1.12 22.25
N ARG B 105 -8.07 -1.36 23.28
CA ARG B 105 -6.83 -0.62 23.44
C ARG B 105 -5.88 -0.88 22.26
N VAL B 106 -5.78 -2.15 21.87
CA VAL B 106 -4.90 -2.54 20.76
C VAL B 106 -5.39 -1.92 19.46
N ILE B 107 -6.70 -2.01 19.21
CA ILE B 107 -7.28 -1.44 18.00
C ILE B 107 -7.11 0.07 17.97
N THR B 108 -7.30 0.72 19.11
CA THR B 108 -7.13 2.17 19.21
C THR B 108 -5.68 2.54 18.89
N THR B 109 -4.76 1.68 19.33
CA THR B 109 -3.35 1.88 19.05
C THR B 109 -3.09 1.82 17.55
N PHE B 110 -3.76 0.88 16.87
CA PHE B 110 -3.68 0.78 15.43
C PHE B 110 -4.25 2.04 14.75
N ARG B 111 -5.34 2.57 15.29
CA ARG B 111 -5.99 3.74 14.69
C ARG B 111 -5.16 5.02 14.84
N THR B 112 -4.57 5.22 16.01
CA THR B 112 -3.92 6.49 16.32
C THR B 112 -2.41 6.48 16.13
N GLY B 113 -1.82 5.30 16.30
CA GLY B 113 -0.37 5.18 16.24
C GLY B 113 0.28 5.81 17.45
N THR B 114 -0.50 5.99 18.52
CA THR B 114 0.00 6.54 19.77
C THR B 114 -0.20 5.57 20.93
N TRP B 115 0.34 5.90 22.10
CA TRP B 115 0.18 5.07 23.27
C TRP B 115 -1.01 5.55 24.11
N ASP B 116 -1.84 6.39 23.52
CA ASP B 116 -2.91 7.09 24.23
C ASP B 116 -3.89 6.17 24.98
N ALA B 117 -4.16 5.01 24.40
CA ALA B 117 -5.11 4.07 24.99
C ALA B 117 -4.56 3.42 26.27
N TYR B 118 -3.31 3.71 26.61
CA TYR B 118 -2.71 3.13 27.80
C TYR B 118 -2.32 4.19 28.82
N LYS B 119 -2.92 5.37 28.68
CA LYS B 119 -2.67 6.49 29.60
C LYS B 119 -3.61 6.45 30.80
#